data_1I3E
#
_entry.id   1I3E
#
_cell.length_a   60.541
_cell.length_b   81.625
_cell.length_c   53.036
_cell.angle_alpha   90.000
_cell.angle_beta   90.000
_cell.angle_gamma   90.000
#
_symmetry.space_group_name_H-M   'P 21 21 2'
#
loop_
_entity.id
_entity.type
_entity.pdbx_description
1 polymer 'HEMOGLOBIN GAMMA CHAINS'
2 non-polymer 'AZIDE ION'
3 non-polymer 'PROTOPORPHYRIN IX CONTAINING FE'
4 water water
#
_entity_poly.entity_id   1
_entity_poly.type   'polypeptide(L)'
_entity_poly.pdbx_seq_one_letter_code
;GHFTEEDKATITSLWGKVNVEDAGGETLGRLLVVYPWTQRFFDSFGNLSSASAIMGNPKVKAHGKKVLTSLGDAIKHLDD
LKGTFAQLSELHCDKLHVDPENFKLLGNVLVTVLAIHFGKEFTPEVQASWQKMVTAVASALSSRYH
;
_entity_poly.pdbx_strand_id   A,B
#
# COMPACT_ATOMS: atom_id res chain seq x y z
N GLY A 1 7.14 11.97 -15.91
CA GLY A 1 7.70 11.54 -14.59
C GLY A 1 9.14 11.89 -14.53
N HIS A 2 9.66 11.90 -13.26
CA HIS A 2 11.10 12.27 -13.08
C HIS A 2 11.57 11.69 -11.75
N PHE A 3 12.70 10.95 -11.85
CA PHE A 3 13.26 10.44 -10.58
C PHE A 3 14.32 11.50 -10.22
N THR A 4 14.38 11.87 -8.95
CA THR A 4 15.49 12.77 -8.48
C THR A 4 16.60 11.92 -8.30
N GLU A 5 17.90 12.57 -8.07
CA GLU A 5 18.99 11.70 -7.91
C GLU A 5 18.89 10.93 -6.56
N GLU A 6 18.19 11.62 -5.59
CA GLU A 6 17.99 10.99 -4.31
C GLU A 6 17.00 9.73 -4.56
N ASP A 7 16.05 9.91 -5.38
CA ASP A 7 15.09 8.73 -5.69
C ASP A 7 15.95 7.56 -6.23
N LYS A 8 16.83 7.93 -7.21
CA LYS A 8 17.68 6.86 -7.82
C LYS A 8 18.50 6.16 -6.73
N ALA A 9 19.22 7.01 -5.92
CA ALA A 9 20.11 6.43 -4.94
C ALA A 9 19.41 5.53 -4.02
N THR A 10 18.16 5.98 -3.55
CA THR A 10 17.35 5.16 -2.63
C THR A 10 16.91 3.85 -3.29
N ILE A 11 16.42 3.99 -4.53
CA ILE A 11 15.87 2.76 -5.22
C ILE A 11 17.02 1.83 -5.42
N THR A 12 18.13 2.28 -6.00
CA THR A 12 19.27 1.39 -6.23
C THR A 12 19.80 0.82 -4.95
N SER A 13 20.00 1.62 -3.95
CA SER A 13 20.57 1.13 -2.65
C SER A 13 19.67 0.19 -1.95
N LEU A 14 18.39 0.44 -1.81
CA LEU A 14 17.50 -0.56 -1.14
C LEU A 14 17.42 -1.80 -1.90
N TRP A 15 17.32 -1.71 -3.26
CA TRP A 15 17.21 -2.91 -4.05
C TRP A 15 18.40 -3.77 -3.91
N GLY A 16 19.61 -3.27 -3.75
CA GLY A 16 20.74 -4.07 -3.54
C GLY A 16 20.72 -4.94 -2.27
N LYS A 17 19.79 -4.62 -1.38
CA LYS A 17 19.71 -5.40 -0.11
C LYS A 17 18.48 -6.37 -0.26
N VAL A 18 17.83 -6.37 -1.24
CA VAL A 18 16.73 -7.29 -1.42
C VAL A 18 17.13 -8.66 -1.97
N ASN A 19 16.58 -9.67 -1.34
CA ASN A 19 16.91 -11.08 -1.72
C ASN A 19 15.69 -11.47 -2.70
N VAL A 20 15.92 -11.36 -3.97
CA VAL A 20 14.87 -11.70 -4.94
C VAL A 20 14.34 -13.11 -4.81
N GLU A 21 15.24 -14.05 -4.45
CA GLU A 21 14.69 -15.48 -4.35
C GLU A 21 13.66 -15.55 -3.28
N ASP A 22 13.71 -14.75 -2.27
CA ASP A 22 12.57 -14.78 -1.27
C ASP A 22 11.51 -13.86 -1.66
N ALA A 23 11.95 -12.52 -1.96
CA ALA A 23 10.97 -11.47 -2.20
C ALA A 23 9.98 -11.76 -3.39
N GLY A 24 10.56 -12.45 -4.43
CA GLY A 24 9.72 -12.70 -5.61
C GLY A 24 8.42 -13.43 -5.24
N GLY A 25 8.55 -14.59 -4.71
CA GLY A 25 7.33 -15.37 -4.29
C GLY A 25 6.54 -14.74 -3.28
N GLU A 26 7.20 -13.97 -2.34
CA GLU A 26 6.43 -13.31 -1.29
C GLU A 26 5.54 -12.21 -1.88
N THR A 27 6.05 -11.54 -2.92
CA THR A 27 5.28 -10.44 -3.50
C THR A 27 4.12 -10.99 -4.39
N LEU A 28 4.41 -11.92 -5.25
CA LEU A 28 3.31 -12.42 -6.11
C LEU A 28 2.27 -13.19 -5.21
N GLY A 29 2.79 -13.97 -4.29
CA GLY A 29 1.84 -14.72 -3.42
C GLY A 29 0.93 -13.77 -2.64
N ARG A 30 1.54 -12.69 -2.11
CA ARG A 30 0.76 -11.72 -1.36
C ARG A 30 -0.31 -11.05 -2.24
N LEU A 31 0.06 -10.78 -3.48
CA LEU A 31 -0.92 -10.17 -4.43
C LEU A 31 -2.10 -11.13 -4.61
N LEU A 32 -1.79 -12.41 -4.79
CA LEU A 32 -2.83 -13.40 -5.03
C LEU A 32 -3.71 -13.61 -3.80
N VAL A 33 -3.19 -13.41 -2.60
CA VAL A 33 -3.94 -13.55 -1.44
C VAL A 33 -4.77 -12.32 -1.11
N VAL A 34 -4.18 -11.17 -1.08
CA VAL A 34 -4.81 -9.96 -0.73
C VAL A 34 -5.84 -9.40 -1.77
N TYR A 35 -5.55 -9.64 -3.06
CA TYR A 35 -6.45 -9.23 -4.13
C TYR A 35 -6.72 -10.44 -4.98
N PRO A 36 -7.53 -11.36 -4.45
CA PRO A 36 -7.78 -12.69 -5.01
C PRO A 36 -8.22 -12.79 -6.46
N TRP A 37 -8.88 -11.68 -6.98
CA TRP A 37 -9.30 -11.78 -8.34
C TRP A 37 -8.08 -11.89 -9.30
N THR A 38 -6.93 -11.45 -8.87
CA THR A 38 -5.75 -11.59 -9.76
C THR A 38 -5.37 -13.05 -10.01
N GLN A 39 -5.97 -13.99 -9.19
CA GLN A 39 -5.67 -15.36 -9.46
C GLN A 39 -6.22 -15.86 -10.77
N ARG A 40 -7.21 -15.20 -11.33
CA ARG A 40 -7.73 -15.62 -12.62
C ARG A 40 -6.69 -15.52 -13.78
N PHE A 41 -5.61 -14.79 -13.55
CA PHE A 41 -4.56 -14.71 -14.60
C PHE A 41 -3.58 -15.84 -14.51
N PHE A 42 -3.71 -16.66 -13.43
CA PHE A 42 -2.71 -17.73 -13.21
C PHE A 42 -3.38 -19.11 -12.99
N ASP A 43 -4.36 -19.36 -13.89
CA ASP A 43 -5.04 -20.76 -13.69
C ASP A 43 -4.13 -21.82 -13.92
N SER A 44 -3.09 -21.71 -14.72
CA SER A 44 -2.18 -22.79 -14.92
C SER A 44 -1.22 -23.05 -13.86
N PHE A 45 -1.17 -22.15 -12.84
CA PHE A 45 -0.20 -22.28 -11.77
C PHE A 45 -0.60 -23.39 -10.66
N GLY A 46 -1.69 -24.00 -10.90
CA GLY A 46 -1.99 -25.15 -9.93
C GLY A 46 -2.87 -24.61 -8.72
N ASN A 47 -2.55 -25.09 -7.57
CA ASN A 47 -3.38 -24.78 -6.37
C ASN A 47 -3.15 -23.42 -5.87
N LEU A 48 -4.29 -22.58 -5.90
CA LEU A 48 -4.23 -21.28 -5.39
C LEU A 48 -5.46 -21.05 -4.50
N SER A 49 -6.02 -22.21 -3.94
CA SER A 49 -7.25 -22.21 -3.19
C SER A 49 -7.14 -21.75 -1.76
N SER A 50 -5.98 -21.50 -1.22
CA SER A 50 -5.74 -21.11 0.13
C SER A 50 -4.49 -20.36 0.24
N ALA A 51 -4.35 -19.53 1.35
CA ALA A 51 -3.15 -18.81 1.47
C ALA A 51 -1.92 -19.66 1.57
N SER A 52 -2.00 -20.79 2.35
CA SER A 52 -0.83 -21.63 2.40
C SER A 52 -0.53 -22.29 1.04
N ALA A 53 -1.51 -22.65 0.32
CA ALA A 53 -1.25 -23.26 -1.03
C ALA A 53 -0.52 -22.19 -1.93
N ILE A 54 -1.05 -20.93 -1.85
CA ILE A 54 -0.48 -19.91 -2.69
C ILE A 54 0.92 -19.60 -2.31
N MET A 55 1.17 -19.33 -1.01
CA MET A 55 2.55 -18.99 -0.59
C MET A 55 3.53 -20.08 -0.69
N GLY A 56 3.03 -21.34 -0.77
CA GLY A 56 3.99 -22.48 -0.94
C GLY A 56 4.02 -22.99 -2.33
N ASN A 57 3.22 -22.38 -3.26
CA ASN A 57 3.14 -22.92 -4.62
C ASN A 57 4.45 -22.62 -5.38
N PRO A 58 5.13 -23.65 -5.90
CA PRO A 58 6.42 -23.47 -6.49
C PRO A 58 6.39 -22.65 -7.80
N LYS A 59 5.26 -22.65 -8.51
CA LYS A 59 5.13 -21.85 -9.75
C LYS A 59 5.00 -20.38 -9.38
N VAL A 60 4.24 -20.11 -8.31
CA VAL A 60 4.09 -18.73 -7.82
C VAL A 60 5.47 -18.23 -7.42
N LYS A 61 6.24 -19.05 -6.71
CA LYS A 61 7.58 -18.57 -6.25
C LYS A 61 8.48 -18.36 -7.49
N ALA A 62 8.46 -19.30 -8.43
CA ALA A 62 9.34 -19.20 -9.59
C ALA A 62 8.93 -17.92 -10.44
N HIS A 63 7.61 -17.72 -10.54
CA HIS A 63 7.23 -16.60 -11.37
C HIS A 63 7.47 -15.23 -10.63
N GLY A 64 7.33 -15.20 -9.35
CA GLY A 64 7.58 -13.94 -8.61
C GLY A 64 9.07 -13.60 -8.75
N LYS A 65 9.90 -14.56 -8.81
CA LYS A 65 11.36 -14.29 -9.05
C LYS A 65 11.60 -13.64 -10.37
N LYS A 66 10.86 -14.10 -11.41
CA LYS A 66 10.97 -13.51 -12.74
C LYS A 66 10.53 -12.06 -12.67
N VAL A 67 9.37 -11.82 -12.05
CA VAL A 67 8.85 -10.48 -11.90
C VAL A 67 9.83 -9.50 -11.31
N LEU A 68 10.42 -9.89 -10.11
CA LEU A 68 11.36 -9.01 -9.47
C LEU A 68 12.68 -8.94 -10.17
N THR A 69 13.00 -9.97 -10.94
CA THR A 69 14.34 -9.88 -11.71
C THR A 69 14.12 -8.89 -12.80
N SER A 70 12.98 -8.87 -13.46
CA SER A 70 12.72 -7.85 -14.50
C SER A 70 12.71 -6.49 -13.92
N LEU A 71 12.16 -6.39 -12.66
CA LEU A 71 12.14 -5.04 -12.01
C LEU A 71 13.59 -4.67 -11.69
N GLY A 72 14.40 -5.64 -11.28
CA GLY A 72 15.78 -5.35 -10.93
C GLY A 72 16.51 -4.83 -12.16
N ASP A 73 16.21 -5.34 -13.33
CA ASP A 73 16.88 -4.87 -14.50
C ASP A 73 16.37 -3.42 -14.86
N ALA A 74 15.01 -3.26 -14.63
CA ALA A 74 14.42 -1.97 -14.90
C ALA A 74 15.05 -0.89 -14.05
N ILE A 75 15.53 -1.24 -12.91
CA ILE A 75 16.16 -0.24 -12.01
C ILE A 75 17.46 0.24 -12.61
N LYS A 76 17.97 -0.42 -13.63
CA LYS A 76 19.12 0.09 -14.28
C LYS A 76 18.84 0.97 -15.46
N HIS A 77 17.54 1.28 -15.59
CA HIS A 77 17.05 2.17 -16.68
C HIS A 77 15.95 3.10 -16.20
N LEU A 78 16.23 3.66 -15.00
CA LEU A 78 15.16 4.53 -14.33
C LEU A 78 14.63 5.65 -15.16
N ASP A 79 15.57 6.19 -16.11
CA ASP A 79 15.09 7.31 -16.84
C ASP A 79 14.39 6.95 -18.15
N ASP A 80 14.25 5.63 -18.40
CA ASP A 80 13.49 5.21 -19.61
C ASP A 80 12.80 3.90 -19.29
N LEU A 81 11.88 3.94 -18.32
CA LEU A 81 11.14 2.71 -18.00
C LEU A 81 10.19 2.29 -19.08
N LYS A 82 9.64 3.37 -19.78
CA LYS A 82 8.70 3.06 -20.86
C LYS A 82 9.30 2.22 -21.94
N GLY A 83 10.48 2.62 -22.43
CA GLY A 83 11.15 1.84 -23.46
C GLY A 83 11.58 0.47 -22.92
N THR A 84 12.04 0.46 -21.69
CA THR A 84 12.54 -0.79 -21.11
C THR A 84 11.43 -1.83 -20.91
N PHE A 85 10.22 -1.33 -20.67
CA PHE A 85 9.04 -2.23 -20.45
C PHE A 85 8.19 -2.43 -21.61
N ALA A 86 8.62 -1.89 -22.79
CA ALA A 86 7.80 -1.98 -24.00
C ALA A 86 7.34 -3.48 -24.37
N GLN A 87 8.30 -4.35 -24.36
CA GLN A 87 7.92 -5.72 -24.77
C GLN A 87 7.09 -6.36 -23.68
N LEU A 88 7.28 -6.04 -22.46
CA LEU A 88 6.42 -6.64 -21.39
C LEU A 88 5.03 -5.97 -21.42
N SER A 89 5.03 -4.71 -21.90
CA SER A 89 3.66 -4.04 -21.99
C SER A 89 2.86 -4.78 -23.09
N GLU A 90 3.52 -5.08 -24.22
CA GLU A 90 2.80 -5.74 -25.30
C GLU A 90 2.29 -7.13 -24.76
N LEU A 91 3.15 -7.80 -24.01
CA LEU A 91 2.74 -9.12 -23.44
C LEU A 91 1.57 -9.04 -22.54
N HIS A 92 1.62 -8.15 -21.55
CA HIS A 92 0.58 -7.99 -20.55
C HIS A 92 -0.70 -7.31 -21.10
N CYS A 93 -0.56 -6.40 -21.99
CA CYS A 93 -1.70 -5.70 -22.47
C CYS A 93 -2.39 -6.31 -23.77
N ASP A 94 -1.55 -6.44 -24.77
CA ASP A 94 -2.19 -6.97 -26.13
C ASP A 94 -2.50 -8.45 -26.04
N LYS A 95 -1.60 -9.24 -25.32
CA LYS A 95 -1.76 -10.68 -25.18
C LYS A 95 -2.60 -11.18 -24.04
N LEU A 96 -2.25 -10.78 -22.82
CA LEU A 96 -2.87 -11.30 -21.65
C LEU A 96 -4.04 -10.46 -21.17
N HIS A 97 -4.20 -9.25 -21.64
CA HIS A 97 -5.31 -8.41 -21.22
C HIS A 97 -5.39 -8.24 -19.71
N VAL A 98 -4.19 -7.92 -19.10
CA VAL A 98 -4.21 -7.62 -17.67
C VAL A 98 -4.68 -6.25 -17.40
N ASP A 99 -5.63 -6.10 -16.41
CA ASP A 99 -6.14 -4.78 -16.08
C ASP A 99 -5.12 -3.92 -15.60
N PRO A 100 -4.94 -2.75 -16.09
CA PRO A 100 -3.86 -1.79 -15.69
C PRO A 100 -3.92 -1.59 -14.15
N GLU A 101 -5.15 -1.64 -13.62
CA GLU A 101 -5.31 -1.36 -12.16
C GLU A 101 -4.51 -2.52 -11.35
N ASN A 102 -4.40 -3.66 -11.92
CA ASN A 102 -3.60 -4.67 -11.19
C ASN A 102 -2.15 -4.41 -11.13
N PHE A 103 -1.62 -3.62 -12.09
CA PHE A 103 -0.20 -3.32 -12.02
C PHE A 103 0.02 -2.37 -10.80
N LYS A 104 -0.93 -1.58 -10.49
CA LYS A 104 -0.85 -0.72 -9.29
C LYS A 104 -0.96 -1.54 -8.05
N LEU A 105 -1.81 -2.58 -8.05
CA LEU A 105 -1.95 -3.40 -6.87
C LEU A 105 -0.66 -4.19 -6.58
N LEU A 106 -0.02 -4.69 -7.58
CA LEU A 106 1.27 -5.39 -7.34
C LEU A 106 2.24 -4.48 -6.80
N GLY A 107 2.23 -3.18 -7.27
CA GLY A 107 3.16 -2.17 -6.69
C GLY A 107 2.90 -1.98 -5.27
N ASN A 108 1.59 -1.91 -4.87
CA ASN A 108 1.27 -1.75 -3.47
C ASN A 108 1.74 -2.93 -2.65
N VAL A 109 1.65 -4.15 -3.22
CA VAL A 109 2.06 -5.35 -2.48
C VAL A 109 3.67 -5.30 -2.32
N LEU A 110 4.33 -4.90 -3.34
CA LEU A 110 5.84 -4.83 -3.25
C LEU A 110 6.19 -3.84 -2.18
N VAL A 111 5.55 -2.70 -2.10
CA VAL A 111 5.88 -1.75 -1.10
C VAL A 111 5.67 -2.31 0.26
N THR A 112 4.59 -3.13 0.44
CA THR A 112 4.34 -3.81 1.71
C THR A 112 5.45 -4.78 2.06
N VAL A 113 5.93 -5.54 1.06
CA VAL A 113 6.96 -6.51 1.30
C VAL A 113 8.27 -5.78 1.69
N LEU A 114 8.55 -4.66 1.03
CA LEU A 114 9.77 -3.89 1.41
C LEU A 114 9.65 -3.35 2.81
N ALA A 115 8.41 -2.91 3.18
CA ALA A 115 8.21 -2.38 4.54
C ALA A 115 8.46 -3.52 5.52
N ILE A 116 7.98 -4.70 5.17
CA ILE A 116 8.19 -5.86 6.09
C ILE A 116 9.66 -6.18 6.21
N HIS A 117 10.37 -6.26 5.15
CA HIS A 117 11.78 -6.69 5.17
C HIS A 117 12.72 -5.60 5.74
N PHE A 118 12.40 -4.34 5.61
CA PHE A 118 13.26 -3.31 6.06
C PHE A 118 12.80 -2.54 7.34
N GLY A 119 11.57 -2.68 7.64
CA GLY A 119 11.03 -2.01 8.89
C GLY A 119 11.41 -0.47 8.82
N LYS A 120 11.94 0.00 9.96
CA LYS A 120 12.18 1.42 10.09
C LYS A 120 13.10 2.00 9.01
N GLU A 121 13.92 1.17 8.40
CA GLU A 121 14.82 1.66 7.31
C GLU A 121 13.92 2.21 6.13
N PHE A 122 12.71 1.67 6.06
CA PHE A 122 11.77 2.11 4.98
C PHE A 122 11.14 3.43 5.42
N THR A 123 11.91 4.46 5.51
CA THR A 123 11.42 5.78 6.05
C THR A 123 10.39 6.39 5.13
N PRO A 124 9.74 7.47 5.52
CA PRO A 124 8.74 8.07 4.74
C PRO A 124 9.31 8.52 3.41
N GLU A 125 10.53 9.12 3.49
CA GLU A 125 11.17 9.58 2.26
C GLU A 125 11.48 8.40 1.36
N VAL A 126 11.96 7.28 1.90
CA VAL A 126 12.28 6.09 1.09
C VAL A 126 10.98 5.54 0.50
N GLN A 127 9.89 5.56 1.29
CA GLN A 127 8.61 5.04 0.74
C GLN A 127 8.18 5.91 -0.42
N ALA A 128 8.35 7.23 -0.35
CA ALA A 128 7.98 8.07 -1.40
C ALA A 128 8.71 7.80 -2.71
N SER A 129 10.01 7.48 -2.59
CA SER A 129 10.82 7.11 -3.75
C SER A 129 10.28 5.82 -4.39
N TRP A 130 9.94 4.84 -3.52
CA TRP A 130 9.50 3.59 -4.06
C TRP A 130 8.05 3.66 -4.54
N GLN A 131 7.27 4.55 -3.96
CA GLN A 131 5.90 4.70 -4.44
C GLN A 131 6.00 5.32 -5.87
N LYS A 132 6.93 6.21 -6.05
CA LYS A 132 7.10 6.77 -7.39
C LYS A 132 7.57 5.66 -8.33
N MET A 133 8.45 4.81 -7.84
CA MET A 133 8.99 3.70 -8.68
C MET A 133 7.90 2.75 -9.11
N VAL A 134 7.10 2.23 -8.17
CA VAL A 134 6.06 1.27 -8.61
C VAL A 134 4.98 1.91 -9.42
N THR A 135 4.74 3.23 -9.22
CA THR A 135 3.73 3.93 -10.04
C THR A 135 4.27 4.07 -11.49
N ALA A 136 5.56 4.37 -11.62
CA ALA A 136 6.16 4.52 -12.95
C ALA A 136 6.20 3.14 -13.62
N VAL A 137 6.44 2.07 -12.87
CA VAL A 137 6.39 0.78 -13.49
C VAL A 137 4.97 0.44 -14.01
N ALA A 138 3.95 0.77 -13.21
CA ALA A 138 2.58 0.52 -13.66
C ALA A 138 2.29 1.29 -14.88
N SER A 139 2.77 2.53 -14.94
CA SER A 139 2.52 3.39 -16.13
C SER A 139 3.26 2.79 -17.35
N ALA A 140 4.44 2.32 -17.17
CA ALA A 140 5.21 1.72 -18.26
C ALA A 140 4.65 0.41 -18.72
N LEU A 141 4.13 -0.39 -17.88
CA LEU A 141 3.55 -1.64 -18.30
C LEU A 141 2.16 -1.52 -19.00
N SER A 142 1.45 -0.47 -18.57
CA SER A 142 0.09 -0.22 -19.19
C SER A 142 0.18 0.67 -20.45
N SER A 143 1.42 0.96 -20.85
CA SER A 143 1.57 1.85 -22.00
C SER A 143 0.83 1.41 -23.24
N ARG A 144 0.82 0.26 -23.57
CA ARG A 144 0.01 -0.23 -24.79
C ARG A 144 -1.40 -0.06 -24.72
N TYR A 145 -2.01 0.20 -23.51
CA TYR A 145 -3.41 0.50 -23.39
C TYR A 145 -3.68 2.02 -23.62
N HIS A 146 -2.60 2.75 -23.58
CA HIS A 146 -2.66 4.22 -23.53
C HIS A 146 -2.12 4.88 -24.78
N GLY B 1 -20.17 -5.33 2.26
CA GLY B 1 -18.98 -5.98 2.85
C GLY B 1 -19.30 -6.81 4.01
N HIS B 2 -18.30 -7.64 4.52
CA HIS B 2 -18.51 -8.39 5.70
C HIS B 2 -17.19 -8.85 6.31
N PHE B 3 -17.05 -8.67 7.58
CA PHE B 3 -15.76 -9.18 8.21
C PHE B 3 -16.07 -10.55 8.74
N THR B 4 -15.07 -11.50 8.57
CA THR B 4 -15.15 -12.80 9.10
C THR B 4 -14.77 -12.86 10.44
N GLU B 5 -15.07 -13.91 11.23
CA GLU B 5 -14.60 -13.92 12.57
C GLU B 5 -13.08 -13.86 12.61
N GLU B 6 -12.46 -14.46 11.61
CA GLU B 6 -10.96 -14.46 11.55
C GLU B 6 -10.51 -12.97 11.25
N ASP B 7 -11.16 -12.28 10.43
CA ASP B 7 -10.85 -10.85 10.12
C ASP B 7 -10.92 -10.07 11.48
N LYS B 8 -12.07 -10.35 12.21
CA LYS B 8 -12.19 -9.59 13.50
C LYS B 8 -11.20 -9.89 14.44
N ALA B 9 -10.86 -11.16 14.65
CA ALA B 9 -9.81 -11.53 15.61
C ALA B 9 -8.42 -10.82 15.23
N THR B 10 -8.09 -10.90 14.01
CA THR B 10 -6.86 -10.31 13.52
C THR B 10 -6.85 -8.85 13.74
N ILE B 11 -7.92 -8.16 13.34
CA ILE B 11 -7.94 -6.69 13.50
C ILE B 11 -7.89 -6.28 14.93
N THR B 12 -8.68 -6.88 15.79
CA THR B 12 -8.66 -6.46 17.23
C THR B 12 -7.33 -6.76 17.88
N SER B 13 -6.73 -7.94 17.54
CA SER B 13 -5.59 -8.49 18.15
C SER B 13 -4.45 -7.64 17.78
N LEU B 14 -4.26 -7.32 16.49
CA LEU B 14 -3.12 -6.44 16.14
C LEU B 14 -3.23 -5.13 16.60
N TRP B 15 -4.57 -4.57 16.62
CA TRP B 15 -4.68 -3.18 17.03
C TRP B 15 -4.36 -3.01 18.53
N GLY B 16 -4.60 -4.02 19.34
CA GLY B 16 -4.25 -3.90 20.73
C GLY B 16 -2.74 -3.74 20.97
N LYS B 17 -1.96 -4.02 19.97
CA LYS B 17 -0.59 -3.94 20.17
C LYS B 17 -0.02 -2.65 19.47
N VAL B 18 -0.96 -1.80 18.94
CA VAL B 18 -0.52 -0.61 18.33
C VAL B 18 -0.32 0.57 19.30
N ASN B 19 0.73 1.34 19.09
CA ASN B 19 1.00 2.52 19.92
C ASN B 19 0.27 3.69 19.09
N VAL B 20 -0.91 3.89 19.45
CA VAL B 20 -1.79 4.91 18.61
C VAL B 20 -1.00 6.24 18.69
N GLU B 21 -0.61 6.77 19.56
CA GLU B 21 -0.03 8.02 19.63
C GLU B 21 1.13 8.09 18.56
N ASP B 22 2.16 7.25 18.61
CA ASP B 22 3.21 7.29 17.56
C ASP B 22 2.66 6.81 16.23
N ALA B 23 1.96 5.78 16.15
CA ALA B 23 1.50 5.22 14.80
C ALA B 23 0.67 6.27 14.09
N GLY B 24 -0.13 7.01 14.88
CA GLY B 24 -1.00 8.05 14.17
C GLY B 24 -0.17 9.07 13.56
N GLY B 25 0.82 9.58 14.24
CA GLY B 25 1.67 10.63 13.64
C GLY B 25 2.48 10.06 12.51
N GLU B 26 2.91 8.79 12.57
CA GLU B 26 3.63 8.22 11.49
C GLU B 26 2.73 8.03 10.26
N THR B 27 1.51 7.65 10.51
CA THR B 27 0.56 7.38 9.35
C THR B 27 0.22 8.69 8.70
N LEU B 28 -0.18 9.70 9.45
CA LEU B 28 -0.52 10.99 8.79
C LEU B 28 0.65 11.57 8.15
N GLY B 29 1.84 11.51 8.81
CA GLY B 29 3.05 12.04 8.24
C GLY B 29 3.40 11.38 6.94
N ARG B 30 3.29 10.03 6.83
CA ARG B 30 3.60 9.39 5.61
C ARG B 30 2.65 9.71 4.51
N LEU B 31 1.36 9.90 4.93
CA LEU B 31 0.39 10.27 3.88
C LEU B 31 0.86 11.58 3.25
N LEU B 32 1.17 12.53 4.11
CA LEU B 32 1.60 13.88 3.59
C LEU B 32 2.88 13.82 2.76
N VAL B 33 3.77 12.90 3.10
CA VAL B 33 5.02 12.78 2.37
C VAL B 33 4.84 12.00 1.07
N VAL B 34 4.21 10.89 1.15
CA VAL B 34 4.05 10.02 -0.06
C VAL B 34 2.97 10.56 -1.01
N TYR B 35 1.98 11.17 -0.56
CA TYR B 35 0.94 11.74 -1.46
C TYR B 35 0.76 13.13 -1.17
N PRO B 36 1.78 13.96 -1.58
CA PRO B 36 1.95 15.45 -1.30
C PRO B 36 0.71 16.31 -1.46
N TRP B 37 -0.15 15.95 -2.41
CA TRP B 37 -1.35 16.81 -2.56
C TRP B 37 -2.23 16.85 -1.33
N THR B 38 -2.08 15.80 -0.46
CA THR B 38 -2.93 15.80 0.78
C THR B 38 -2.49 16.93 1.72
N GLN B 39 -1.34 17.51 1.50
CA GLN B 39 -0.88 18.60 2.39
C GLN B 39 -1.81 19.81 2.30
N ARG B 40 -2.48 19.95 1.17
CA ARG B 40 -3.35 21.13 0.99
C ARG B 40 -4.53 21.17 2.07
N PHE B 41 -4.88 20.04 2.60
CA PHE B 41 -5.94 20.06 3.65
C PHE B 41 -5.38 20.43 5.00
N PHE B 42 -4.16 20.49 5.20
CA PHE B 42 -3.55 20.78 6.50
C PHE B 42 -2.55 22.04 6.40
N ASP B 43 -3.06 23.06 5.76
CA ASP B 43 -2.18 24.36 5.61
C ASP B 43 -1.95 24.98 6.97
N SER B 44 -2.88 24.85 7.87
CA SER B 44 -2.78 25.48 9.20
C SER B 44 -1.71 24.77 10.16
N PHE B 45 -1.25 23.58 9.61
CA PHE B 45 -0.25 22.83 10.51
C PHE B 45 1.15 23.43 10.35
N GLY B 46 1.39 24.24 9.46
CA GLY B 46 2.80 24.75 9.31
C GLY B 46 3.50 24.39 8.03
N ASN B 47 4.78 24.46 8.04
CA ASN B 47 5.56 24.18 6.88
C ASN B 47 5.67 22.58 6.64
N LEU B 48 5.10 22.18 5.53
CA LEU B 48 5.07 20.73 5.24
C LEU B 48 5.83 20.51 3.94
N SER B 49 6.92 21.34 3.69
CA SER B 49 7.61 21.20 2.47
C SER B 49 8.74 20.16 2.39
N SER B 50 8.92 19.36 3.44
CA SER B 50 9.83 18.31 3.41
C SER B 50 9.42 17.18 4.37
N ALA B 51 9.98 16.00 4.18
CA ALA B 51 9.60 14.90 5.12
C ALA B 51 10.03 15.22 6.49
N SER B 52 11.29 15.85 6.61
CA SER B 52 11.68 16.13 8.00
C SER B 52 10.82 17.11 8.65
N ALA B 53 10.36 18.17 7.94
CA ALA B 53 9.49 19.16 8.55
C ALA B 53 8.10 18.51 8.92
N ILE B 54 7.63 17.65 8.00
CA ILE B 54 6.32 16.92 8.30
C ILE B 54 6.45 15.99 9.46
N MET B 55 7.41 15.11 9.44
CA MET B 55 7.52 14.09 10.56
C MET B 55 7.95 14.72 11.90
N GLY B 56 8.54 15.93 11.86
CA GLY B 56 8.92 16.58 13.11
C GLY B 56 7.75 17.57 13.63
N ASN B 57 6.71 17.67 12.87
CA ASN B 57 5.70 18.67 13.16
C ASN B 57 4.70 18.16 14.22
N PRO B 58 4.69 18.88 15.36
CA PRO B 58 3.78 18.48 16.53
C PRO B 58 2.35 18.45 16.19
N LYS B 59 1.85 19.22 15.29
CA LYS B 59 0.40 19.21 14.98
C LYS B 59 0.06 17.94 14.17
N VAL B 60 1.01 17.53 13.28
CA VAL B 60 0.80 16.30 12.50
C VAL B 60 0.71 15.19 13.45
N LYS B 61 1.60 15.14 14.51
CA LYS B 61 1.60 14.07 15.44
C LYS B 61 0.29 14.07 16.28
N ALA B 62 -0.08 15.22 16.78
CA ALA B 62 -1.29 15.35 17.58
C ALA B 62 -2.56 15.04 16.77
N HIS B 63 -2.59 15.43 15.50
CA HIS B 63 -3.79 15.06 14.73
C HIS B 63 -3.85 13.60 14.36
N GLY B 64 -2.65 13.03 14.01
CA GLY B 64 -2.60 11.57 13.68
C GLY B 64 -3.12 10.80 14.86
N LYS B 65 -2.85 11.27 16.10
CA LYS B 65 -3.34 10.54 17.26
C LYS B 65 -4.87 10.50 17.25
N LYS B 66 -5.51 11.61 16.88
CA LYS B 66 -6.98 11.66 16.85
C LYS B 66 -7.46 10.70 15.84
N VAL B 67 -6.83 10.70 14.67
CA VAL B 67 -7.30 9.86 13.51
C VAL B 67 -7.29 8.37 13.92
N LEU B 68 -6.12 7.88 14.48
CA LEU B 68 -6.03 6.50 14.84
C LEU B 68 -6.87 6.13 16.08
N THR B 69 -7.09 7.06 16.97
CA THR B 69 -7.96 6.84 18.09
C THR B 69 -9.32 6.55 17.64
N SER B 70 -9.83 7.41 16.64
CA SER B 70 -11.12 7.19 16.09
C SER B 70 -11.21 5.90 15.39
N LEU B 71 -10.15 5.53 14.67
CA LEU B 71 -10.12 4.21 13.95
C LEU B 71 -10.20 3.08 14.95
N GLY B 72 -9.52 3.28 16.12
CA GLY B 72 -9.52 2.30 17.10
C GLY B 72 -10.88 2.10 17.69
N ASP B 73 -11.59 3.18 17.88
CA ASP B 73 -12.88 3.05 18.43
C ASP B 73 -13.84 2.38 17.41
N ALA B 74 -13.65 2.64 16.16
CA ALA B 74 -14.45 1.98 15.10
C ALA B 74 -14.27 0.45 15.12
N ILE B 75 -13.13 0.02 15.61
CA ILE B 75 -12.87 -1.43 15.63
C ILE B 75 -13.83 -2.08 16.62
N LYS B 76 -14.50 -1.32 17.46
CA LYS B 76 -15.56 -1.92 18.37
C LYS B 76 -16.83 -2.08 17.65
N HIS B 77 -16.99 -1.55 16.42
CA HIS B 77 -18.15 -1.60 15.67
C HIS B 77 -17.98 -2.05 14.24
N LEU B 78 -17.23 -3.13 14.05
CA LEU B 78 -16.87 -3.64 12.71
C LEU B 78 -18.08 -3.97 11.89
N ASP B 79 -19.20 -4.33 12.46
CA ASP B 79 -20.43 -4.63 11.61
C ASP B 79 -21.20 -3.41 11.31
N ASP B 80 -20.81 -2.25 11.78
CA ASP B 80 -21.60 -1.00 11.53
C ASP B 80 -20.63 0.23 11.45
N LEU B 81 -19.66 0.09 10.51
CA LEU B 81 -18.73 1.26 10.34
C LEU B 81 -19.38 2.46 9.80
N LYS B 82 -20.46 2.21 8.96
CA LYS B 82 -21.12 3.39 8.31
C LYS B 82 -21.74 4.26 9.39
N GLY B 83 -22.47 3.64 10.33
CA GLY B 83 -23.07 4.38 11.38
C GLY B 83 -22.10 4.96 12.37
N THR B 84 -21.03 4.28 12.72
CA THR B 84 -20.10 4.74 13.62
C THR B 84 -19.26 5.97 13.05
N PHE B 85 -19.14 5.99 11.77
CA PHE B 85 -18.41 7.10 11.14
C PHE B 85 -19.28 8.17 10.53
N ALA B 86 -20.60 8.08 10.77
CA ALA B 86 -21.51 9.03 10.17
C ALA B 86 -21.15 10.46 10.44
N GLN B 87 -20.85 10.85 11.67
CA GLN B 87 -20.56 12.21 11.94
C GLN B 87 -19.22 12.62 11.27
N LEU B 88 -18.22 11.74 11.32
CA LEU B 88 -16.96 12.12 10.66
C LEU B 88 -17.16 12.09 9.08
N SER B 89 -18.13 11.38 8.63
CA SER B 89 -18.31 11.45 7.09
C SER B 89 -18.91 12.86 6.80
N GLU B 90 -19.81 13.34 7.63
CA GLU B 90 -20.34 14.69 7.38
C GLU B 90 -19.30 15.73 7.47
N LEU B 91 -18.45 15.63 8.44
CA LEU B 91 -17.34 16.60 8.60
C LEU B 91 -16.40 16.58 7.37
N HIS B 92 -15.92 15.43 7.00
CA HIS B 92 -14.96 15.33 5.91
C HIS B 92 -15.58 15.66 4.51
N CYS B 93 -16.79 15.18 4.27
CA CYS B 93 -17.42 15.36 2.98
C CYS B 93 -18.11 16.68 2.84
N ASP B 94 -19.05 16.93 3.73
CA ASP B 94 -19.95 18.23 3.47
C ASP B 94 -19.17 19.48 3.88
N LYS B 95 -18.23 19.38 5.00
CA LYS B 95 -17.56 20.58 5.37
C LYS B 95 -16.12 20.79 4.83
N LEU B 96 -15.30 19.65 4.84
CA LEU B 96 -13.96 19.82 4.45
C LEU B 96 -13.76 19.46 2.93
N HIS B 97 -14.72 18.81 2.30
CA HIS B 97 -14.62 18.44 0.93
C HIS B 97 -13.26 17.64 0.62
N VAL B 98 -13.07 16.61 1.47
CA VAL B 98 -11.94 15.73 1.22
C VAL B 98 -12.28 14.75 0.19
N ASP B 99 -11.40 14.64 -0.88
CA ASP B 99 -11.68 13.66 -1.94
C ASP B 99 -11.73 12.30 -1.49
N PRO B 100 -12.69 11.47 -1.85
CA PRO B 100 -12.91 10.15 -1.36
C PRO B 100 -11.67 9.23 -1.60
N GLU B 101 -10.95 9.48 -2.69
CA GLU B 101 -9.72 8.70 -2.98
C GLU B 101 -8.69 8.86 -1.81
N ASN B 102 -8.65 10.03 -1.19
CA ASN B 102 -7.75 10.24 -0.12
C ASN B 102 -8.00 9.35 1.14
N PHE B 103 -9.21 8.92 1.30
CA PHE B 103 -9.51 8.04 2.49
C PHE B 103 -8.83 6.73 2.19
N LYS B 104 -8.86 6.31 0.94
CA LYS B 104 -8.22 5.03 0.56
C LYS B 104 -6.70 5.15 0.69
N LEU B 105 -6.16 6.30 0.34
CA LEU B 105 -4.69 6.49 0.41
C LEU B 105 -4.27 6.44 1.91
N LEU B 106 -5.02 7.04 2.80
CA LEU B 106 -4.62 7.02 4.22
C LEU B 106 -4.67 5.55 4.65
N GLY B 107 -5.63 4.83 4.25
CA GLY B 107 -5.77 3.40 4.61
C GLY B 107 -4.52 2.66 4.10
N ASN B 108 -4.09 2.92 2.88
CA ASN B 108 -2.90 2.24 2.33
C ASN B 108 -1.63 2.54 3.10
N VAL B 109 -1.51 3.81 3.61
CA VAL B 109 -0.34 4.16 4.39
C VAL B 109 -0.40 3.49 5.75
N LEU B 110 -1.56 3.39 6.30
CA LEU B 110 -1.66 2.70 7.67
C LEU B 110 -1.19 1.29 7.50
N VAL B 111 -1.62 0.65 6.36
CA VAL B 111 -1.21 -0.75 6.18
C VAL B 111 0.41 -0.78 6.07
N THR B 112 0.96 0.18 5.45
CA THR B 112 2.46 0.18 5.34
C THR B 112 3.02 0.34 6.73
N VAL B 113 2.40 1.25 7.55
CA VAL B 113 2.89 1.45 8.92
C VAL B 113 2.80 0.17 9.73
N LEU B 114 1.71 -0.56 9.60
CA LEU B 114 1.59 -1.80 10.35
C LEU B 114 2.52 -2.83 9.96
N ALA B 115 2.85 -2.83 8.56
CA ALA B 115 3.86 -3.74 8.02
C ALA B 115 5.26 -3.38 8.58
N ILE B 116 5.62 -2.13 8.62
CA ILE B 116 6.88 -1.73 9.18
C ILE B 116 7.04 -2.19 10.62
N HIS B 117 6.03 -1.93 11.46
CA HIS B 117 6.07 -2.29 12.92
C HIS B 117 6.00 -3.74 13.19
N PHE B 118 5.11 -4.45 12.50
CA PHE B 118 4.91 -5.87 12.83
C PHE B 118 5.74 -6.87 11.97
N GLY B 119 6.27 -6.39 10.92
CA GLY B 119 7.13 -7.26 10.08
C GLY B 119 6.44 -8.62 9.65
N LYS B 120 7.20 -9.69 9.85
CA LYS B 120 6.70 -11.03 9.46
C LYS B 120 5.37 -11.43 10.13
N GLU B 121 5.02 -10.78 11.21
CA GLU B 121 3.69 -11.04 11.83
C GLU B 121 2.57 -10.52 10.89
N PHE B 122 2.90 -9.62 10.07
CA PHE B 122 1.89 -9.09 9.09
C PHE B 122 1.91 -9.97 7.88
N THR B 123 1.34 -11.16 8.09
CA THR B 123 1.33 -12.20 6.99
C THR B 123 0.29 -11.79 5.93
N PRO B 124 0.31 -12.56 4.79
CA PRO B 124 -0.61 -12.20 3.71
C PRO B 124 -2.01 -12.23 4.20
N GLU B 125 -2.37 -13.20 5.01
CA GLU B 125 -3.76 -13.22 5.55
C GLU B 125 -4.05 -12.03 6.40
N VAL B 126 -3.11 -11.67 7.28
CA VAL B 126 -3.36 -10.58 8.21
C VAL B 126 -3.52 -9.29 7.29
N GLN B 127 -2.65 -9.18 6.29
CA GLN B 127 -2.79 -7.98 5.43
C GLN B 127 -4.10 -7.94 4.75
N ALA B 128 -4.59 -9.11 4.32
CA ALA B 128 -5.90 -9.14 3.70
C ALA B 128 -6.99 -8.66 4.60
N SER B 129 -6.94 -9.06 5.87
CA SER B 129 -7.94 -8.61 6.85
C SER B 129 -7.86 -7.09 7.01
N TRP B 130 -6.64 -6.57 7.13
CA TRP B 130 -6.50 -5.12 7.24
C TRP B 130 -6.79 -4.36 6.01
N GLN B 131 -6.56 -4.99 4.86
CA GLN B 131 -6.95 -4.27 3.61
C GLN B 131 -8.39 -4.15 3.53
N LYS B 132 -9.13 -5.20 3.99
CA LYS B 132 -10.55 -5.12 4.01
C LYS B 132 -11.02 -4.04 4.94
N MET B 133 -10.31 -3.94 6.09
CA MET B 133 -10.66 -2.94 7.11
C MET B 133 -10.51 -1.55 6.61
N VAL B 134 -9.34 -1.19 6.06
CA VAL B 134 -9.14 0.14 5.62
C VAL B 134 -9.98 0.52 4.36
N THR B 135 -10.40 -0.51 3.62
CA THR B 135 -11.35 -0.30 2.55
C THR B 135 -12.72 0.04 3.05
N ALA B 136 -13.13 -0.65 4.15
CA ALA B 136 -14.43 -0.42 4.74
C ALA B 136 -14.50 0.95 5.48
N VAL B 137 -13.34 1.39 6.01
CA VAL B 137 -13.24 2.65 6.72
C VAL B 137 -13.47 3.77 5.56
N ALA B 138 -12.76 3.63 4.47
CA ALA B 138 -12.83 4.64 3.45
C ALA B 138 -14.25 4.71 2.95
N SER B 139 -14.90 3.56 2.82
CA SER B 139 -16.36 3.55 2.30
C SER B 139 -17.20 4.28 3.36
N ALA B 140 -17.00 4.00 4.62
CA ALA B 140 -17.84 4.58 5.64
C ALA B 140 -17.56 6.13 5.70
N LEU B 141 -16.33 6.54 5.55
CA LEU B 141 -16.03 7.96 5.57
C LEU B 141 -16.54 8.76 4.37
N SER B 142 -16.61 8.11 3.26
CA SER B 142 -17.10 8.80 2.03
C SER B 142 -18.60 8.61 1.79
N SER B 143 -19.22 7.97 2.81
CA SER B 143 -20.68 7.70 2.66
C SER B 143 -21.52 8.94 2.25
N ARG B 144 -21.23 10.07 2.80
CA ARG B 144 -21.98 11.30 2.50
C ARG B 144 -21.92 11.65 0.96
N TYR B 145 -20.94 11.21 0.33
CA TYR B 145 -20.81 11.47 -1.14
C TYR B 145 -21.56 10.43 -1.93
N HIS B 146 -21.95 9.35 -1.38
CA HIS B 146 -22.57 8.23 -2.10
C HIS B 146 -24.06 7.89 -1.60
#